data_7LA8
#
_entry.id   7LA8
#
_cell.length_a   107.255
_cell.length_b   107.255
_cell.length_c   63.197
_cell.angle_alpha   90.000
_cell.angle_beta   90.000
_cell.angle_gamma   90.000
#
_symmetry.space_group_name_H-M   'I 4'
#
loop_
_entity.id
_entity.type
_entity.pdbx_description
1 polymer 'O6 variable lymphocyte receptor'
2 branched 3-O-sulfo-beta-D-galactopyranose-(1-4)-2-acetamido-2-deoxy-beta-D-glucopyranose
3 non-polymer BIOTIN
4 non-polymer 'SULFATE ION'
5 water water
#
_entity_poly.entity_id   1
_entity_poly.type   'polypeptide(L)'
_entity_poly.pdbx_seq_one_letter_code
;GSCPSQCSCSGTDVNCDGARFASVPAAIPITTQRLWLSNNQLTKLDPGVFDSLTQLTTLYLSNNQLTALPAGVFDKLTQL
KELGLDQNQLKSIPDGAFARLPSLTHVWLHTNPWDCQCTDILYLSGWVAQHSSIVGEGWLRSWTVNPDNAKCSGTNTPVR
AVTEASTSPSKCP
;
_entity_poly.pdbx_strand_id   A,B
#
# COMPACT_ATOMS: atom_id res chain seq x y z
N SER A 2 4.79 -26.87 -13.71
CA SER A 2 4.81 -25.38 -13.60
C SER A 2 5.62 -25.00 -12.38
N CYS A 3 6.44 -23.98 -12.53
CA CYS A 3 7.28 -23.50 -11.44
C CYS A 3 7.79 -22.14 -11.85
N PRO A 4 7.64 -21.09 -11.04
CA PRO A 4 8.23 -19.81 -11.46
C PRO A 4 9.74 -19.95 -11.52
N SER A 5 10.32 -19.41 -12.57
CA SER A 5 11.76 -19.30 -12.63
C SER A 5 12.21 -18.60 -11.35
N GLN A 6 13.36 -19.03 -10.85
CA GLN A 6 14.02 -18.50 -9.65
C GLN A 6 13.41 -19.05 -8.36
N CYS A 7 12.38 -19.88 -8.43
CA CYS A 7 11.87 -20.55 -7.25
C CYS A 7 12.27 -22.02 -7.29
N SER A 8 12.32 -22.61 -6.13
CA SER A 8 12.62 -24.03 -5.99
C SER A 8 11.32 -24.78 -5.80
N CYS A 9 11.07 -25.74 -6.68
CA CYS A 9 9.87 -26.54 -6.66
C CYS A 9 10.21 -27.99 -6.33
N SER A 10 9.54 -28.51 -5.30
CA SER A 10 9.71 -29.89 -4.85
C SER A 10 8.34 -30.42 -4.47
N GLY A 11 7.75 -31.20 -5.36
CA GLY A 11 6.50 -31.85 -5.04
C GLY A 11 5.43 -30.79 -4.86
N THR A 12 4.81 -30.71 -3.69
CA THR A 12 3.81 -29.69 -3.45
C THR A 12 4.39 -28.47 -2.73
N ASP A 13 5.73 -28.39 -2.60
CA ASP A 13 6.44 -27.22 -2.08
C ASP A 13 6.83 -26.28 -3.23
N VAL A 14 6.55 -25.00 -3.04
CA VAL A 14 7.07 -23.95 -3.91
C VAL A 14 7.81 -22.96 -3.03
N ASN A 15 9.13 -22.92 -3.16
CA ASN A 15 9.98 -22.12 -2.33
C ASN A 15 10.57 -20.98 -3.16
N CYS A 16 9.96 -19.78 -3.01
CA CYS A 16 10.45 -18.53 -3.60
C CYS A 16 11.14 -17.63 -2.56
N ASP A 17 11.58 -18.21 -1.46
CA ASP A 17 12.23 -17.45 -0.39
C ASP A 17 13.52 -16.82 -0.92
N GLY A 18 13.61 -15.49 -0.93
CA GLY A 18 14.84 -14.82 -1.33
C GLY A 18 14.97 -14.62 -2.83
N ALA A 19 13.88 -14.78 -3.58
CA ALA A 19 13.95 -14.64 -5.04
C ALA A 19 14.03 -13.19 -5.50
N ARG A 20 13.87 -12.22 -4.60
CA ARG A 20 13.91 -10.81 -5.01
C ARG A 20 12.75 -10.46 -5.97
N PHE A 21 11.62 -11.09 -5.80
CA PHE A 21 10.46 -10.78 -6.64
C PHE A 21 9.84 -9.47 -6.21
N ALA A 22 9.43 -8.65 -7.18
CA ALA A 22 8.61 -7.47 -6.87
C ALA A 22 7.13 -7.77 -6.85
N SER A 23 6.74 -8.91 -7.43
CA SER A 23 5.36 -9.26 -7.66
C SER A 23 5.19 -10.77 -7.54
N VAL A 24 3.99 -11.18 -7.17
CA VAL A 24 3.69 -12.61 -7.07
C VAL A 24 3.77 -13.22 -8.47
N PRO A 25 4.50 -14.31 -8.68
CA PRO A 25 4.60 -14.86 -10.03
C PRO A 25 3.42 -15.74 -10.39
N ALA A 26 3.10 -15.77 -11.68
CA ALA A 26 2.21 -16.78 -12.22
C ALA A 26 2.88 -18.18 -12.14
N ALA A 27 2.10 -19.22 -12.40
CA ALA A 27 2.62 -20.58 -12.56
C ALA A 27 3.01 -21.29 -11.26
N ILE A 28 2.37 -20.93 -10.16
CA ILE A 28 2.42 -21.74 -8.95
C ILE A 28 1.34 -22.80 -9.08
N PRO A 29 1.66 -24.11 -9.06
CA PRO A 29 0.62 -25.11 -9.29
C PRO A 29 -0.55 -25.00 -8.34
N ILE A 30 -1.75 -25.32 -8.83
CA ILE A 30 -2.93 -25.19 -7.99
C ILE A 30 -2.97 -26.22 -6.88
N THR A 31 -2.13 -27.26 -6.93
CA THR A 31 -2.08 -28.27 -5.87
C THR A 31 -1.00 -27.97 -4.83
N THR A 32 -0.35 -26.81 -4.91
CA THR A 32 0.67 -26.46 -3.95
C THR A 32 0.15 -26.50 -2.52
N GLN A 33 0.97 -27.05 -1.63
CA GLN A 33 0.67 -27.16 -0.22
C GLN A 33 1.45 -26.23 0.68
N ARG A 34 2.71 -25.96 0.35
CA ARG A 34 3.55 -25.06 1.12
C ARG A 34 4.17 -24.05 0.15
N LEU A 35 3.94 -22.77 0.43
CA LEU A 35 4.35 -21.66 -0.44
C LEU A 35 5.18 -20.63 0.35
N TRP A 36 6.43 -20.46 -0.03
CA TRP A 36 7.30 -19.45 0.57
C TRP A 36 7.35 -18.31 -0.43
N LEU A 37 6.82 -17.17 -0.05
CA LEU A 37 6.99 -15.94 -0.80
C LEU A 37 7.77 -14.95 0.05
N SER A 38 8.44 -15.43 1.09
CA SER A 38 9.14 -14.57 2.02
C SER A 38 10.45 -14.05 1.43
N ASN A 39 10.97 -12.98 2.08
CA ASN A 39 12.25 -12.37 1.68
C ASN A 39 12.28 -11.98 0.21
N ASN A 40 11.24 -11.26 -0.22
CA ASN A 40 11.15 -10.71 -1.56
C ASN A 40 10.90 -9.22 -1.38
N GLN A 41 10.36 -8.56 -2.43
CA GLN A 41 10.04 -7.14 -2.42
C GLN A 41 8.58 -6.89 -2.74
N LEU A 42 7.71 -7.76 -2.24
CA LEU A 42 6.29 -7.60 -2.46
C LEU A 42 5.77 -6.35 -1.72
N THR A 43 4.97 -5.55 -2.40
CA THR A 43 4.39 -4.38 -1.76
C THR A 43 2.88 -4.40 -1.73
N LYS A 44 2.25 -5.34 -2.43
CA LYS A 44 0.80 -5.44 -2.42
C LYS A 44 0.44 -6.83 -2.89
N LEU A 45 -0.80 -7.17 -2.65
CA LEU A 45 -1.41 -8.40 -3.13
C LEU A 45 -2.73 -8.02 -3.78
N ASP A 46 -2.89 -8.36 -5.02
CA ASP A 46 -4.17 -7.98 -5.57
C ASP A 46 -5.23 -8.99 -5.13
N PRO A 47 -6.49 -8.57 -5.02
CA PRO A 47 -7.53 -9.49 -4.56
C PRO A 47 -7.54 -10.70 -5.46
N GLY A 48 -7.75 -11.86 -4.85
CA GLY A 48 -7.89 -13.08 -5.58
C GLY A 48 -6.61 -13.82 -5.89
N VAL A 49 -5.41 -13.26 -5.57
CA VAL A 49 -4.16 -13.84 -6.05
C VAL A 49 -3.97 -15.27 -5.57
N PHE A 50 -4.52 -15.63 -4.43
CA PHE A 50 -4.40 -16.97 -3.90
C PHE A 50 -5.67 -17.84 -4.06
N ASP A 51 -6.69 -17.37 -4.81
CA ASP A 51 -7.99 -18.03 -4.74
C ASP A 51 -7.95 -19.44 -5.31
N SER A 52 -7.06 -19.74 -6.26
CA SER A 52 -7.06 -21.09 -6.81
C SER A 52 -6.14 -22.02 -6.03
N LEU A 53 -5.46 -21.52 -5.00
CA LEU A 53 -4.52 -22.32 -4.21
C LEU A 53 -5.20 -22.92 -2.98
N THR A 54 -6.27 -23.67 -3.23
CA THR A 54 -7.13 -24.17 -2.16
C THR A 54 -6.49 -25.26 -1.31
N GLN A 55 -5.37 -25.87 -1.75
CA GLN A 55 -4.72 -26.93 -0.99
C GLN A 55 -3.61 -26.39 -0.07
N LEU A 56 -3.44 -25.07 0.03
CA LEU A 56 -2.35 -24.52 0.85
C LEU A 56 -2.51 -24.88 2.30
N THR A 57 -1.45 -25.44 2.89
CA THR A 57 -1.35 -25.59 4.34
C THR A 57 -0.34 -24.65 5.00
N THR A 58 0.58 -24.06 4.25
CA THR A 58 1.44 -23.03 4.82
C THR A 58 1.68 -21.95 3.77
N LEU A 59 1.66 -20.70 4.26
CA LEU A 59 1.87 -19.55 3.41
C LEU A 59 2.79 -18.58 4.16
N TYR A 60 3.96 -18.29 3.58
CA TYR A 60 4.94 -17.43 4.25
C TYR A 60 5.13 -16.18 3.39
N LEU A 61 4.65 -15.05 3.90
CA LEU A 61 4.74 -13.74 3.26
C LEU A 61 5.65 -12.80 4.04
N SER A 62 6.37 -13.34 5.02
CA SER A 62 7.27 -12.58 5.88
C SER A 62 8.40 -11.97 5.08
N ASN A 63 8.90 -10.84 5.59
CA ASN A 63 10.09 -10.17 5.02
C ASN A 63 9.83 -9.65 3.61
N ASN A 64 8.79 -8.83 3.51
CA ASN A 64 8.45 -8.10 2.31
C ASN A 64 8.12 -6.69 2.71
N GLN A 65 7.55 -5.92 1.81
CA GLN A 65 7.16 -4.54 2.06
C GLN A 65 5.65 -4.35 1.98
N LEU A 66 4.91 -5.36 2.37
CA LEU A 66 3.48 -5.29 2.24
C LEU A 66 2.92 -4.16 3.11
N THR A 67 2.23 -3.22 2.46
CA THR A 67 1.64 -2.08 3.16
C THR A 67 0.19 -2.31 3.54
N ALA A 68 -0.51 -3.21 2.87
CA ALA A 68 -1.88 -3.55 3.20
C ALA A 68 -2.21 -4.90 2.59
N LEU A 69 -3.27 -5.51 3.11
CA LEU A 69 -3.86 -6.71 2.56
C LEU A 69 -5.27 -6.40 2.08
N PRO A 70 -5.66 -6.91 0.91
CA PRO A 70 -7.03 -6.70 0.48
C PRO A 70 -7.96 -7.61 1.26
N ALA A 71 -9.16 -7.11 1.50
CA ALA A 71 -10.19 -7.93 2.11
C ALA A 71 -10.37 -9.24 1.35
N GLY A 72 -10.47 -10.33 2.10
CA GLY A 72 -10.78 -11.61 1.51
C GLY A 72 -9.60 -12.36 0.90
N VAL A 73 -8.38 -11.87 1.07
CA VAL A 73 -7.25 -12.46 0.33
C VAL A 73 -7.00 -13.90 0.78
N PHE A 74 -7.37 -14.27 2.00
CA PHE A 74 -7.15 -15.63 2.48
C PHE A 74 -8.40 -16.50 2.48
N ASP A 75 -9.52 -16.01 1.91
CA ASP A 75 -10.83 -16.62 2.14
C ASP A 75 -10.92 -18.06 1.60
N LYS A 76 -10.12 -18.42 0.58
CA LYS A 76 -10.22 -19.74 -0.04
C LYS A 76 -9.27 -20.74 0.60
N LEU A 77 -8.46 -20.32 1.54
CA LEU A 77 -7.40 -21.14 2.10
C LEU A 77 -7.83 -21.86 3.37
N THR A 78 -8.94 -22.61 3.31
CA THR A 78 -9.49 -23.13 4.56
C THR A 78 -8.65 -24.24 5.20
N GLN A 79 -7.66 -24.79 4.49
CA GLN A 79 -6.78 -25.81 5.06
C GLN A 79 -5.51 -25.22 5.65
N LEU A 80 -5.34 -23.89 5.62
CA LEU A 80 -4.13 -23.23 6.11
C LEU A 80 -3.90 -23.49 7.60
N LYS A 81 -2.69 -23.94 7.89
CA LYS A 81 -2.21 -24.14 9.25
C LYS A 81 -1.18 -23.10 9.68
N GLU A 82 -0.39 -22.57 8.75
CA GLU A 82 0.69 -21.65 9.08
C GLU A 82 0.60 -20.45 8.17
N LEU A 83 0.69 -19.27 8.78
CA LEU A 83 0.62 -17.99 8.09
C LEU A 83 1.67 -17.02 8.65
N GLY A 84 2.59 -16.61 7.77
CA GLY A 84 3.71 -15.72 8.12
C GLY A 84 3.44 -14.33 7.54
N LEU A 85 3.19 -13.37 8.43
CA LEU A 85 2.99 -11.98 8.02
C LEU A 85 3.99 -11.03 8.66
N ASP A 86 4.91 -11.55 9.46
CA ASP A 86 5.87 -10.75 10.21
C ASP A 86 6.82 -10.03 9.26
N GLN A 87 7.43 -8.97 9.78
CA GLN A 87 8.48 -8.24 9.09
C GLN A 87 7.96 -7.72 7.75
N ASN A 88 6.94 -6.88 7.85
CA ASN A 88 6.33 -6.19 6.73
C ASN A 88 6.01 -4.77 7.15
N GLN A 89 5.18 -4.08 6.36
CA GLN A 89 4.83 -2.69 6.64
C GLN A 89 3.34 -2.56 6.95
N LEU A 90 2.74 -3.57 7.55
CA LEU A 90 1.29 -3.60 7.69
C LEU A 90 0.88 -2.71 8.86
N LYS A 91 -0.17 -1.91 8.64
CA LYS A 91 -0.71 -1.07 9.71
C LYS A 91 -2.01 -1.63 10.33
N SER A 92 -2.71 -2.51 9.63
CA SER A 92 -3.88 -3.18 10.18
C SER A 92 -4.19 -4.37 9.29
N ILE A 93 -5.15 -5.15 9.75
CA ILE A 93 -5.67 -6.32 9.04
C ILE A 93 -7.14 -6.09 8.72
N PRO A 94 -7.60 -6.31 7.47
CA PRO A 94 -9.00 -6.08 7.15
C PRO A 94 -9.89 -6.93 8.04
N ASP A 95 -11.06 -6.37 8.35
CA ASP A 95 -12.00 -7.03 9.23
C ASP A 95 -12.37 -8.40 8.67
N GLY A 96 -12.25 -9.41 9.52
CA GLY A 96 -12.57 -10.77 9.17
C GLY A 96 -11.55 -11.50 8.32
N ALA A 97 -10.33 -10.95 8.15
CA ALA A 97 -9.37 -11.52 7.19
C ALA A 97 -9.01 -12.95 7.52
N PHE A 98 -9.01 -13.31 8.80
CA PHE A 98 -8.66 -14.64 9.24
C PHE A 98 -9.86 -15.53 9.52
N ALA A 99 -11.08 -15.04 9.31
CA ALA A 99 -12.22 -15.79 9.79
C ALA A 99 -12.32 -17.16 9.13
N ARG A 100 -11.90 -17.28 7.88
CA ARG A 100 -12.09 -18.52 7.15
C ARG A 100 -10.88 -19.43 7.23
N LEU A 101 -10.05 -19.24 8.26
CA LEU A 101 -8.83 -20.01 8.48
C LEU A 101 -8.95 -20.81 9.78
N PRO A 102 -9.85 -21.81 9.83
CA PRO A 102 -10.14 -22.49 11.11
C PRO A 102 -9.06 -23.46 11.57
N SER A 103 -8.06 -23.79 10.74
CA SER A 103 -7.04 -24.76 11.11
C SER A 103 -5.70 -24.15 11.52
N LEU A 104 -5.60 -22.84 11.58
CA LEU A 104 -4.34 -22.21 11.93
C LEU A 104 -3.79 -22.77 13.23
N THR A 105 -2.50 -23.05 13.22
CA THR A 105 -1.80 -23.41 14.44
C THR A 105 -0.55 -22.54 14.68
N HIS A 106 -0.07 -21.82 13.68
CA HIS A 106 1.12 -20.97 13.80
C HIS A 106 0.88 -19.72 12.99
N VAL A 107 0.95 -18.56 13.64
CA VAL A 107 0.82 -17.29 12.95
C VAL A 107 1.94 -16.39 13.42
N TRP A 108 2.56 -15.68 12.49
CA TRP A 108 3.57 -14.67 12.76
C TRP A 108 3.00 -13.33 12.34
N LEU A 109 2.98 -12.41 13.25
CA LEU A 109 2.50 -11.06 13.01
C LEU A 109 3.47 -9.97 13.47
N HIS A 110 4.57 -10.33 14.11
CA HIS A 110 5.45 -9.34 14.72
C HIS A 110 6.20 -8.51 13.67
N THR A 111 6.87 -7.47 14.15
CA THR A 111 7.68 -6.58 13.34
C THR A 111 6.85 -6.00 12.19
N ASN A 112 5.68 -5.49 12.54
CA ASN A 112 4.94 -4.59 11.68
C ASN A 112 4.58 -3.33 12.44
N PRO A 113 4.46 -2.21 11.74
CA PRO A 113 4.09 -0.95 12.38
C PRO A 113 2.58 -0.83 12.59
N TRP A 114 2.02 -1.72 13.38
CA TRP A 114 0.57 -1.72 13.60
C TRP A 114 0.14 -0.35 14.14
N ASP A 115 -0.90 0.24 13.53
CA ASP A 115 -1.37 1.60 13.85
C ASP A 115 -2.55 1.51 14.81
N CYS A 116 -2.25 1.56 16.11
CA CYS A 116 -3.24 1.26 17.13
C CYS A 116 -4.09 2.46 17.52
N GLN A 117 -3.81 3.65 17.02
CA GLN A 117 -4.74 4.75 17.25
C GLN A 117 -5.99 4.63 16.41
N CYS A 118 -5.93 3.89 15.33
CA CYS A 118 -6.98 3.87 14.33
C CYS A 118 -7.95 2.74 14.64
N THR A 119 -9.23 3.00 14.37
CA THR A 119 -10.26 2.01 14.68
C THR A 119 -10.10 0.73 13.84
N ASP A 120 -9.41 0.81 12.70
CA ASP A 120 -9.18 -0.39 11.86
C ASP A 120 -8.38 -1.46 12.58
N ILE A 121 -7.66 -1.14 13.66
CA ILE A 121 -6.86 -2.14 14.36
C ILE A 121 -7.67 -3.11 15.24
N LEU A 122 -8.93 -2.78 15.54
CA LEU A 122 -9.69 -3.53 16.53
C LEU A 122 -9.97 -4.97 16.09
N TYR A 123 -10.18 -5.23 14.80
CA TYR A 123 -10.24 -6.65 14.38
C TYR A 123 -8.99 -7.40 14.82
N LEU A 124 -7.83 -6.89 14.45
CA LEU A 124 -6.60 -7.60 14.80
C LEU A 124 -6.43 -7.72 16.30
N SER A 125 -6.73 -6.65 17.02
CA SER A 125 -6.59 -6.67 18.46
C SER A 125 -7.46 -7.76 19.10
N GLY A 126 -8.72 -7.83 18.70
CA GLY A 126 -9.57 -8.87 19.26
C GLY A 126 -9.15 -10.25 18.79
N TRP A 127 -8.66 -10.34 17.56
CA TRP A 127 -8.27 -11.67 17.04
C TRP A 127 -7.08 -12.21 17.84
N VAL A 128 -6.05 -11.38 18.04
CA VAL A 128 -4.90 -11.85 18.78
C VAL A 128 -5.28 -12.19 20.21
N ALA A 129 -6.17 -11.40 20.83
CA ALA A 129 -6.56 -11.73 22.20
C ALA A 129 -7.22 -13.12 22.24
N GLN A 130 -8.00 -13.46 21.22
CA GLN A 130 -8.73 -14.72 21.21
C GLN A 130 -7.87 -15.89 20.77
N HIS A 131 -6.83 -15.64 19.98
CA HIS A 131 -6.02 -16.70 19.40
C HIS A 131 -4.58 -16.57 19.84
N SER A 132 -4.42 -16.16 21.09
CA SER A 132 -3.10 -15.85 21.64
C SER A 132 -2.14 -17.02 21.61
N SER A 133 -2.66 -18.25 21.79
CA SER A 133 -1.80 -19.42 21.87
C SER A 133 -1.18 -19.83 20.53
N ILE A 134 -1.54 -19.19 19.41
CA ILE A 134 -0.90 -19.54 18.15
C ILE A 134 -0.08 -18.40 17.57
N VAL A 135 0.03 -17.25 18.25
CA VAL A 135 0.79 -16.10 17.76
C VAL A 135 2.18 -16.18 18.36
N GLY A 136 3.22 -16.20 17.51
CA GLY A 136 4.56 -16.44 17.98
C GLY A 136 5.66 -15.96 17.08
N GLU A 137 6.80 -16.63 17.20
CA GLU A 137 8.04 -16.27 16.51
C GLU A 137 8.97 -17.47 16.45
N GLY A 138 9.92 -17.41 15.53
CA GLY A 138 10.89 -18.45 15.39
C GLY A 138 10.49 -19.44 14.32
N TRP A 139 11.14 -20.60 14.35
CA TRP A 139 11.04 -21.55 13.25
C TRP A 139 11.50 -22.91 13.74
N LEU A 140 10.71 -23.95 13.45
CA LEU A 140 11.00 -25.31 13.87
C LEU A 140 11.35 -25.35 15.36
N ARG A 141 12.54 -25.84 15.72
CA ARG A 141 12.90 -25.97 17.13
C ARG A 141 12.79 -24.65 17.88
N SER A 142 12.94 -23.53 17.19
CA SER A 142 13.00 -22.25 17.89
C SER A 142 11.64 -21.55 17.95
N TRP A 143 10.57 -22.19 17.47
CA TRP A 143 9.23 -21.58 17.54
C TRP A 143 8.87 -21.30 18.99
N THR A 144 8.36 -20.11 19.26
CA THR A 144 7.91 -19.76 20.60
C THR A 144 6.64 -18.92 20.51
N VAL A 145 5.65 -19.31 21.31
CA VAL A 145 4.43 -18.52 21.43
C VAL A 145 4.77 -17.24 22.16
N ASN A 146 4.27 -16.12 21.64
CA ASN A 146 4.60 -14.82 22.16
C ASN A 146 3.63 -13.79 21.60
N PRO A 147 2.34 -13.89 21.98
CA PRO A 147 1.33 -12.98 21.42
C PRO A 147 1.62 -11.49 21.66
N ASP A 148 2.38 -11.13 22.70
CA ASP A 148 2.71 -9.73 22.92
C ASP A 148 3.74 -9.19 21.95
N ASN A 149 4.21 -10.02 21.02
CA ASN A 149 5.21 -9.53 20.09
C ASN A 149 4.59 -8.79 18.92
N ALA A 150 3.27 -8.78 18.80
CA ALA A 150 2.62 -7.86 17.89
C ALA A 150 2.39 -6.58 18.67
N LYS A 151 3.10 -5.52 18.29
CA LYS A 151 3.19 -4.31 19.10
C LYS A 151 2.71 -3.11 18.29
N CYS A 152 2.10 -2.18 19.02
CA CYS A 152 1.69 -0.94 18.41
C CYS A 152 2.92 -0.14 18.01
N SER A 153 2.88 0.43 16.81
CA SER A 153 3.94 1.26 16.29
C SER A 153 4.24 2.42 17.25
N GLY A 154 5.50 2.54 17.61
CA GLY A 154 5.97 3.64 18.43
C GLY A 154 5.73 3.50 19.90
N THR A 155 5.26 2.34 20.35
CA THR A 155 4.95 2.09 21.74
C THR A 155 5.49 0.73 22.11
N ASN A 156 5.42 0.40 23.39
CA ASN A 156 5.59 -0.98 23.81
C ASN A 156 4.26 -1.66 24.19
N THR A 157 3.17 -1.15 23.70
CA THR A 157 1.89 -1.74 24.03
C THR A 157 1.57 -2.88 23.06
N PRO A 158 1.21 -4.07 23.54
CA PRO A 158 0.81 -5.15 22.63
C PRO A 158 -0.51 -4.83 21.94
N VAL A 159 -0.61 -5.19 20.67
CA VAL A 159 -1.83 -4.97 19.91
C VAL A 159 -3.03 -5.58 20.62
N ARG A 160 -2.84 -6.67 21.34
CA ARG A 160 -4.00 -7.35 21.95
C ARG A 160 -4.50 -6.64 23.21
N ALA A 161 -3.78 -5.62 23.70
CA ALA A 161 -4.19 -4.83 24.86
C ALA A 161 -5.02 -3.61 24.49
N VAL A 162 -5.17 -3.32 23.21
CA VAL A 162 -5.84 -2.10 22.78
C VAL A 162 -7.35 -2.23 22.95
N THR A 163 -7.97 -1.21 23.50
CA THR A 163 -9.42 -1.18 23.63
C THR A 163 -10.00 -0.16 22.67
N GLU A 164 -11.29 -0.33 22.40
CA GLU A 164 -11.97 0.58 21.49
C GLU A 164 -11.89 2.03 21.96
N ALA A 165 -11.92 2.27 23.28
CA ALA A 165 -11.96 3.63 23.81
C ALA A 165 -10.68 4.40 23.49
N SER A 166 -9.60 3.70 23.18
CA SER A 166 -8.32 4.34 22.88
C SER A 166 -8.08 4.48 21.39
N THR A 167 -9.09 4.21 20.54
CA THR A 167 -8.98 4.37 19.10
C THR A 167 -9.94 5.46 18.66
N SER A 168 -9.75 5.95 17.44
CA SER A 168 -10.60 6.94 16.87
C SER A 168 -10.78 6.68 15.38
N PRO A 169 -12.00 6.80 14.85
CA PRO A 169 -12.17 6.70 13.40
C PRO A 169 -11.51 7.84 12.66
N SER A 170 -11.27 8.96 13.32
CA SER A 170 -10.69 10.12 12.68
C SER A 170 -9.18 10.04 12.59
N LYS A 171 -8.56 8.99 13.11
CA LYS A 171 -7.11 8.88 13.08
C LYS A 171 -6.72 7.73 12.16
N CYS A 172 -7.48 7.56 11.09
CA CYS A 172 -7.24 6.50 10.13
C CYS A 172 -6.82 7.12 8.81
N PRO A 173 -5.58 6.92 8.35
CA PRO A 173 -5.21 7.58 7.09
C PRO A 173 -6.12 7.24 5.92
N SER B 2 20.85 21.69 4.13
CA SER B 2 20.28 20.33 4.20
C SER B 2 20.04 19.90 2.77
N CYS B 3 20.37 18.66 2.49
CA CYS B 3 20.17 18.09 1.16
C CYS B 3 20.38 16.60 1.32
N PRO B 4 19.45 15.73 0.90
CA PRO B 4 19.72 14.29 1.05
C PRO B 4 20.86 13.87 0.14
N SER B 5 21.72 13.02 0.66
CA SER B 5 22.73 12.41 -0.18
C SER B 5 22.00 11.73 -1.35
N GLN B 6 22.61 11.85 -2.52
CA GLN B 6 22.14 11.33 -3.81
C GLN B 6 21.10 12.25 -4.45
N CYS B 7 20.70 13.34 -3.83
CA CYS B 7 19.83 14.30 -4.50
C CYS B 7 20.60 15.53 -4.92
N SER B 8 20.09 16.21 -5.94
CA SER B 8 20.67 17.47 -6.42
C SER B 8 19.91 18.65 -5.82
N CYS B 9 20.62 19.53 -5.13
CA CYS B 9 20.05 20.69 -4.48
C CYS B 9 20.55 21.98 -5.13
N SER B 10 19.61 22.82 -5.54
CA SER B 10 19.86 24.09 -6.22
C SER B 10 18.85 25.09 -5.71
N GLY B 11 19.28 25.99 -4.82
CA GLY B 11 18.40 27.02 -4.31
C GLY B 11 17.24 26.38 -3.55
N THR B 12 16.01 26.62 -4.00
CA THR B 12 14.83 25.98 -3.42
C THR B 12 14.35 24.76 -4.21
N ASP B 13 15.16 24.28 -5.15
CA ASP B 13 14.94 23.01 -5.86
C ASP B 13 15.62 21.86 -5.10
N VAL B 14 14.90 20.76 -4.91
CA VAL B 14 15.48 19.49 -4.45
C VAL B 14 15.10 18.39 -5.44
N ASN B 15 16.09 17.90 -6.18
CA ASN B 15 15.87 16.95 -7.26
C ASN B 15 16.42 15.57 -6.88
N CYS B 16 15.52 14.69 -6.45
CA CYS B 16 15.85 13.29 -6.19
C CYS B 16 15.38 12.36 -7.33
N ASP B 17 15.15 12.90 -8.52
CA ASP B 17 14.67 12.14 -9.68
C ASP B 17 15.70 11.07 -10.01
N GLY B 18 15.30 9.81 -9.89
CA GLY B 18 16.15 8.69 -10.26
C GLY B 18 17.15 8.25 -9.22
N ALA B 19 17.01 8.68 -7.95
CA ALA B 19 17.97 8.34 -6.91
C ALA B 19 17.85 6.91 -6.43
N ARG B 20 16.86 6.16 -6.88
CA ARG B 20 16.67 4.78 -6.44
C ARG B 20 16.33 4.69 -4.95
N PHE B 21 15.58 5.68 -4.43
CA PHE B 21 15.16 5.66 -3.03
C PHE B 21 13.98 4.73 -2.81
N ALA B 22 14.06 3.98 -1.71
CA ALA B 22 12.95 3.20 -1.20
C ALA B 22 12.05 3.99 -0.28
N SER B 23 12.53 5.10 0.25
CA SER B 23 11.76 5.79 1.27
C SER B 23 12.08 7.29 1.18
N VAL B 24 11.12 8.12 1.57
CA VAL B 24 11.34 9.57 1.49
C VAL B 24 12.49 9.96 2.44
N PRO B 25 13.44 10.78 2.03
CA PRO B 25 14.56 11.11 2.92
C PRO B 25 14.21 12.24 3.88
N ALA B 26 14.81 12.21 5.07
CA ALA B 26 14.85 13.35 5.95
C ALA B 26 15.70 14.46 5.32
N ALA B 27 15.70 15.65 5.91
CA ALA B 27 16.67 16.67 5.48
C ALA B 27 16.31 17.29 4.14
N ILE B 28 15.03 17.44 3.85
CA ILE B 28 14.58 18.31 2.77
C ILE B 28 14.29 19.67 3.42
N PRO B 29 14.93 20.77 2.99
CA PRO B 29 14.73 22.06 3.67
C PRO B 29 13.26 22.48 3.71
N ILE B 30 12.84 23.14 4.80
CA ILE B 30 11.42 23.51 4.88
C ILE B 30 11.06 24.60 3.88
N THR B 31 12.04 25.29 3.30
CA THR B 31 11.76 26.33 2.32
C THR B 31 11.80 25.81 0.88
N THR B 32 11.94 24.50 0.70
CA THR B 32 11.93 23.91 -0.63
C THR B 32 10.65 24.29 -1.37
N GLN B 33 10.82 24.64 -2.64
CA GLN B 33 9.71 24.99 -3.54
C GLN B 33 9.42 23.93 -4.60
N ARG B 34 10.44 23.25 -5.08
CA ARG B 34 10.27 22.23 -6.11
C ARG B 34 10.95 20.95 -5.65
N LEU B 35 10.16 19.89 -5.59
CA LEU B 35 10.67 18.63 -5.08
C LEU B 35 10.36 17.55 -6.10
N TRP B 36 11.40 16.95 -6.62
CA TRP B 36 11.27 15.78 -7.49
C TRP B 36 11.55 14.56 -6.63
N LEU B 37 10.55 13.72 -6.43
CA LEU B 37 10.72 12.39 -5.85
C LEU B 37 10.42 11.28 -6.87
N SER B 38 10.39 11.64 -8.13
CA SER B 38 10.00 10.76 -9.20
C SER B 38 11.11 9.78 -9.54
N ASN B 39 10.69 8.70 -10.21
CA ASN B 39 11.59 7.62 -10.63
C ASN B 39 12.41 7.08 -9.46
N ASN B 40 11.71 6.70 -8.41
CA ASN B 40 12.34 6.05 -7.28
C ASN B 40 11.58 4.73 -7.07
N GLN B 41 11.71 4.15 -5.88
CA GLN B 41 11.01 2.91 -5.56
C GLN B 41 10.12 3.10 -4.35
N LEU B 42 9.52 4.27 -4.25
CA LEU B 42 8.58 4.55 -3.16
C LEU B 42 7.33 3.68 -3.28
N THR B 43 6.90 3.10 -2.17
CA THR B 43 5.72 2.26 -2.17
C THR B 43 4.64 2.75 -1.22
N LYS B 44 4.93 3.69 -0.33
CA LYS B 44 3.92 4.23 0.57
C LYS B 44 4.43 5.59 1.02
N LEU B 45 3.51 6.39 1.55
CA LEU B 45 3.83 7.66 2.20
C LEU B 45 3.13 7.63 3.55
N ASP B 46 3.88 7.76 4.61
CA ASP B 46 3.14 7.74 5.85
C ASP B 46 2.48 9.12 6.09
N PRO B 47 1.39 9.15 6.83
CA PRO B 47 0.69 10.43 7.01
C PRO B 47 1.63 11.47 7.60
N GLY B 48 1.50 12.71 7.13
CA GLY B 48 2.27 13.82 7.65
C GLY B 48 3.63 14.03 7.02
N VAL B 49 4.02 13.16 6.08
CA VAL B 49 5.41 13.14 5.62
C VAL B 49 5.79 14.44 4.94
N PHE B 50 4.84 15.15 4.34
CA PHE B 50 5.12 16.43 3.68
C PHE B 50 4.67 17.65 4.50
N ASP B 51 4.26 17.47 5.75
CA ASP B 51 3.59 18.55 6.46
C ASP B 51 4.53 19.72 6.74
N SER B 52 5.82 19.49 6.87
CA SER B 52 6.71 20.62 7.12
C SER B 52 7.24 21.23 5.83
N LEU B 53 6.89 20.69 4.67
CA LEU B 53 7.27 21.22 3.34
C LEU B 53 6.21 22.17 2.80
N THR B 54 5.90 23.17 3.60
CA THR B 54 4.75 24.04 3.31
C THR B 54 4.98 24.97 2.12
N GLN B 55 6.20 25.10 1.63
CA GLN B 55 6.47 26.04 0.54
C GLN B 55 6.47 25.39 -0.83
N LEU B 56 6.11 24.12 -0.93
CA LEU B 56 6.12 23.44 -2.22
C LEU B 56 5.13 24.09 -3.18
N THR B 57 5.65 24.43 -4.39
CA THR B 57 4.84 24.77 -5.54
C THR B 57 4.81 23.67 -6.60
N THR B 58 5.74 22.72 -6.56
CA THR B 58 5.66 21.57 -7.45
C THR B 58 6.13 20.36 -6.69
N LEU B 59 5.40 19.28 -6.86
CA LEU B 59 5.75 18.02 -6.24
C LEU B 59 5.54 16.90 -7.26
N TYR B 60 6.60 16.17 -7.56
CA TYR B 60 6.58 15.13 -8.56
C TYR B 60 6.83 13.79 -7.89
N LEU B 61 5.80 12.96 -7.84
CA LEU B 61 5.87 11.63 -7.28
C LEU B 61 5.72 10.57 -8.36
N SER B 62 5.80 10.98 -9.62
CA SER B 62 5.61 10.09 -10.76
C SER B 62 6.65 8.99 -10.77
N ASN B 63 6.26 7.83 -11.34
CA ASN B 63 7.18 6.70 -11.56
C ASN B 63 7.70 6.13 -10.25
N ASN B 64 6.77 5.77 -9.36
CA ASN B 64 7.11 5.04 -8.17
C ASN B 64 6.15 3.86 -8.14
N GLN B 65 6.08 3.17 -7.02
CA GLN B 65 5.19 2.07 -6.81
C GLN B 65 4.16 2.37 -5.75
N LEU B 66 3.70 3.63 -5.68
CA LEU B 66 2.77 4.02 -4.63
C LEU B 66 1.47 3.28 -4.77
N THR B 67 1.14 2.52 -3.74
CA THR B 67 -0.10 1.74 -3.76
C THR B 67 -1.26 2.48 -3.16
N ALA B 68 -1.01 3.48 -2.34
CA ALA B 68 -2.10 4.24 -1.75
C ALA B 68 -1.55 5.57 -1.26
N LEU B 69 -2.47 6.52 -1.06
CA LEU B 69 -2.08 7.76 -0.37
C LEU B 69 -2.85 7.89 0.92
N PRO B 70 -2.23 8.34 2.02
CA PRO B 70 -2.99 8.58 3.25
C PRO B 70 -3.86 9.85 3.16
N ALA B 71 -4.99 9.80 3.84
CA ALA B 71 -5.83 10.97 3.97
C ALA B 71 -5.03 12.18 4.46
N GLY B 72 -5.24 13.32 3.83
CA GLY B 72 -4.65 14.55 4.29
C GLY B 72 -3.21 14.80 3.90
N VAL B 73 -2.60 13.95 3.06
CA VAL B 73 -1.16 14.03 2.87
C VAL B 73 -0.77 15.32 2.15
N PHE B 74 -1.65 15.95 1.36
CA PHE B 74 -1.31 17.21 0.71
C PHE B 74 -1.87 18.44 1.42
N ASP B 75 -2.51 18.28 2.58
CA ASP B 75 -3.34 19.33 3.11
C ASP B 75 -2.55 20.60 3.48
N LYS B 76 -1.29 20.48 3.82
CA LYS B 76 -0.51 21.65 4.20
C LYS B 76 0.19 22.30 2.99
N LEU B 77 0.05 21.72 1.81
CA LEU B 77 0.78 22.18 0.62
C LEU B 77 -0.04 23.18 -0.21
N THR B 78 -0.43 24.28 0.44
CA THR B 78 -1.45 25.15 -0.14
C THR B 78 -0.98 25.93 -1.34
N GLN B 79 0.30 26.02 -1.60
CA GLN B 79 0.81 26.78 -2.73
C GLN B 79 1.06 25.90 -3.96
N LEU B 80 0.71 24.62 -3.88
CA LEU B 80 1.03 23.67 -4.96
C LEU B 80 0.37 24.09 -6.26
N LYS B 81 1.18 24.18 -7.31
CA LYS B 81 0.72 24.41 -8.67
C LYS B 81 0.83 23.18 -9.57
N GLU B 82 1.77 22.29 -9.28
CA GLU B 82 2.03 21.12 -10.12
C GLU B 82 2.14 19.92 -9.22
N LEU B 83 1.40 18.87 -9.57
CA LEU B 83 1.41 17.63 -8.79
C LEU B 83 1.43 16.44 -9.74
N GLY B 84 2.48 15.63 -9.66
CA GLY B 84 2.68 14.46 -10.53
C GLY B 84 2.42 13.18 -9.74
N LEU B 85 1.32 12.49 -10.08
CA LEU B 85 0.97 11.19 -9.49
C LEU B 85 0.96 10.05 -10.50
N ASP B 86 1.29 10.32 -11.75
CA ASP B 86 1.25 9.35 -12.83
C ASP B 86 2.28 8.23 -12.64
N GLN B 87 2.00 7.09 -13.29
CA GLN B 87 2.93 5.96 -13.35
C GLN B 87 3.27 5.47 -11.94
N ASN B 88 2.22 5.10 -11.23
CA ASN B 88 2.25 4.53 -9.89
C ASN B 88 1.27 3.35 -9.86
N GLN B 89 0.95 2.87 -8.66
CA GLN B 89 0.05 1.75 -8.48
C GLN B 89 -1.23 2.16 -7.76
N LEU B 90 -1.69 3.41 -7.96
CA LEU B 90 -2.80 3.93 -7.19
C LEU B 90 -4.12 3.39 -7.75
N LYS B 91 -5.00 2.94 -6.84
CA LYS B 91 -6.32 2.48 -7.18
C LYS B 91 -7.39 3.53 -6.91
N SER B 92 -7.11 4.50 -6.06
CA SER B 92 -8.05 5.58 -5.79
C SER B 92 -7.31 6.68 -5.05
N ILE B 93 -8.01 7.79 -4.85
CA ILE B 93 -7.50 8.95 -4.12
C ILE B 93 -8.40 9.19 -2.90
N PRO B 94 -7.86 9.41 -1.69
CA PRO B 94 -8.74 9.68 -0.54
C PRO B 94 -9.62 10.89 -0.77
N ASP B 95 -10.82 10.80 -0.21
CA ASP B 95 -11.80 11.86 -0.31
C ASP B 95 -11.26 13.20 0.21
N GLY B 96 -11.40 14.24 -0.61
CA GLY B 96 -10.92 15.57 -0.32
C GLY B 96 -9.43 15.76 -0.46
N ALA B 97 -8.68 14.80 -1.04
CA ALA B 97 -7.22 14.91 -1.02
C ALA B 97 -6.72 16.21 -1.66
N PHE B 98 -7.45 16.76 -2.63
CA PHE B 98 -7.03 17.97 -3.32
C PHE B 98 -7.75 19.25 -2.83
N ALA B 99 -8.58 19.17 -1.80
CA ALA B 99 -9.47 20.28 -1.49
C ALA B 99 -8.70 21.54 -1.07
N ARG B 100 -7.54 21.37 -0.46
CA ARG B 100 -6.81 22.53 0.03
C ARG B 100 -5.73 23.00 -0.97
N LEU B 101 -5.86 22.63 -2.24
CA LEU B 101 -4.89 22.93 -3.29
C LEU B 101 -5.51 23.82 -4.36
N PRO B 102 -5.90 25.04 -4.02
CA PRO B 102 -6.63 25.87 -4.99
C PRO B 102 -5.79 26.42 -6.14
N SER B 103 -4.46 26.32 -6.08
CA SER B 103 -3.61 26.93 -7.08
C SER B 103 -3.13 25.92 -8.15
N LEU B 104 -3.62 24.69 -8.13
CA LEU B 104 -3.19 23.67 -9.10
C LEU B 104 -3.39 24.15 -10.54
N THR B 105 -2.37 23.97 -11.36
CA THR B 105 -2.49 24.24 -12.77
C THR B 105 -2.06 23.07 -13.65
N HIS B 106 -1.29 22.11 -13.13
CA HIS B 106 -0.82 20.97 -13.91
C HIS B 106 -0.87 19.78 -12.96
N VAL B 107 -1.65 18.76 -13.36
CA VAL B 107 -1.83 17.53 -12.60
C VAL B 107 -1.64 16.36 -13.54
N TRP B 108 -0.87 15.36 -13.10
CA TRP B 108 -0.61 14.12 -13.82
C TRP B 108 -1.24 13.01 -12.98
N LEU B 109 -2.16 12.25 -13.61
CA LEU B 109 -2.83 11.13 -12.96
C LEU B 109 -2.79 9.85 -13.78
N HIS B 110 -2.28 9.89 -14.98
CA HIS B 110 -2.38 8.76 -15.87
C HIS B 110 -1.48 7.61 -15.41
N THR B 111 -1.67 6.47 -16.08
CA THR B 111 -0.86 5.27 -15.85
C THR B 111 -0.88 4.87 -14.38
N ASN B 112 -2.09 4.79 -13.86
CA ASN B 112 -2.40 4.12 -12.61
C ASN B 112 -3.56 3.17 -12.82
N PRO B 113 -3.62 2.09 -12.04
CA PRO B 113 -4.73 1.10 -12.15
C PRO B 113 -5.95 1.54 -11.34
N TRP B 114 -6.54 2.63 -11.75
CA TRP B 114 -7.68 3.19 -11.01
C TRP B 114 -8.79 2.15 -10.97
N ASP B 115 -9.30 1.86 -9.78
CA ASP B 115 -10.30 0.80 -9.62
C ASP B 115 -11.68 1.43 -9.67
N CYS B 116 -12.29 1.43 -10.84
CA CYS B 116 -13.54 2.17 -10.98
C CYS B 116 -14.77 1.38 -10.57
N GLN B 117 -14.65 0.11 -10.18
CA GLN B 117 -15.78 -0.65 -9.62
C GLN B 117 -16.10 -0.19 -8.20
N CYS B 118 -15.14 0.40 -7.53
CA CYS B 118 -15.20 0.63 -6.11
C CYS B 118 -15.72 2.05 -5.86
N THR B 119 -16.55 2.21 -4.83
CA THR B 119 -17.07 3.54 -4.50
C THR B 119 -15.98 4.55 -4.19
N ASP B 120 -14.79 4.09 -3.76
CA ASP B 120 -13.73 5.03 -3.42
C ASP B 120 -13.29 5.88 -4.61
N ILE B 121 -13.59 5.47 -5.85
CA ILE B 121 -13.15 6.22 -7.00
C ILE B 121 -13.95 7.49 -7.20
N LEU B 122 -15.11 7.62 -6.57
CA LEU B 122 -16.01 8.70 -6.92
C LEU B 122 -15.43 10.09 -6.59
N TYR B 123 -14.66 10.23 -5.51
CA TYR B 123 -13.97 11.52 -5.32
C TYR B 123 -13.13 11.88 -6.54
N LEU B 124 -12.25 10.99 -6.97
CA LEU B 124 -11.42 11.29 -8.11
C LEU B 124 -12.25 11.51 -9.38
N SER B 125 -13.29 10.71 -9.58
CA SER B 125 -14.11 10.85 -10.77
C SER B 125 -14.68 12.26 -10.86
N GLY B 126 -15.33 12.72 -9.79
CA GLY B 126 -15.89 14.06 -9.81
C GLY B 126 -14.82 15.13 -9.88
N TRP B 127 -13.67 14.89 -9.25
CA TRP B 127 -12.64 15.92 -9.24
C TRP B 127 -12.11 16.14 -10.66
N VAL B 128 -11.78 15.05 -11.37
CA VAL B 128 -11.24 15.19 -12.73
C VAL B 128 -12.29 15.82 -13.63
N ALA B 129 -13.56 15.47 -13.43
CA ALA B 129 -14.62 16.05 -14.24
C ALA B 129 -14.71 17.57 -14.05
N GLN B 130 -14.52 18.04 -12.81
CA GLN B 130 -14.62 19.44 -12.45
C GLN B 130 -13.34 20.21 -12.76
N HIS B 131 -12.19 19.52 -12.83
CA HIS B 131 -10.90 20.13 -13.11
C HIS B 131 -10.23 19.58 -14.36
N SER B 132 -11.03 19.33 -15.39
CA SER B 132 -10.54 18.68 -16.61
C SER B 132 -9.42 19.45 -17.28
N SER B 133 -9.45 20.76 -17.22
CA SER B 133 -8.48 21.55 -17.96
C SER B 133 -7.07 21.52 -17.36
N ILE B 134 -6.83 20.91 -16.20
CA ILE B 134 -5.47 20.86 -15.66
C ILE B 134 -4.89 19.46 -15.60
N VAL B 135 -5.63 18.45 -16.05
CA VAL B 135 -5.22 17.06 -16.02
C VAL B 135 -4.62 16.73 -17.39
N GLY B 136 -3.39 16.29 -17.41
CA GLY B 136 -2.69 16.14 -18.67
C GLY B 136 -1.48 15.23 -18.62
N GLU B 137 -0.56 15.49 -19.52
CA GLU B 137 0.54 14.58 -19.74
C GLU B 137 1.65 15.38 -20.41
N GLY B 138 2.87 14.87 -20.29
CA GLY B 138 4.02 15.51 -20.90
C GLY B 138 4.75 16.44 -19.93
N TRP B 139 5.59 17.28 -20.52
CA TRP B 139 6.53 18.08 -19.73
C TRP B 139 6.99 19.28 -20.54
N LEU B 140 6.96 20.45 -19.93
CA LEU B 140 7.38 21.68 -20.59
C LEU B 140 6.69 21.77 -21.94
N ARG B 141 7.46 21.76 -23.03
CA ARG B 141 6.91 22.01 -24.35
C ARG B 141 5.94 20.93 -24.79
N SER B 142 6.08 19.72 -24.28
CA SER B 142 5.18 18.65 -24.69
C SER B 142 3.96 18.51 -23.77
N TRP B 143 3.79 19.40 -22.82
CA TRP B 143 2.62 19.31 -21.95
C TRP B 143 1.35 19.36 -22.78
N THR B 144 0.43 18.47 -22.45
CA THR B 144 -0.82 18.30 -23.14
C THR B 144 -1.95 18.03 -22.14
N VAL B 145 -3.01 18.84 -22.21
CA VAL B 145 -4.19 18.54 -21.42
C VAL B 145 -4.91 17.35 -22.05
N ASN B 146 -5.28 16.40 -21.22
CA ASN B 146 -5.84 15.13 -21.69
C ASN B 146 -6.54 14.47 -20.52
N PRO B 147 -7.63 15.05 -20.02
CA PRO B 147 -8.30 14.48 -18.82
C PRO B 147 -8.78 13.05 -19.00
N ASP B 148 -9.06 12.59 -20.22
CA ASP B 148 -9.43 11.18 -20.38
C ASP B 148 -8.24 10.22 -20.23
N ASN B 149 -7.02 10.71 -20.00
CA ASN B 149 -5.89 9.80 -19.91
C ASN B 149 -5.80 9.13 -18.55
N ALA B 150 -6.65 9.51 -17.61
CA ALA B 150 -6.85 8.75 -16.39
C ALA B 150 -8.00 7.76 -16.67
N LYS B 151 -7.64 6.48 -16.73
CA LYS B 151 -8.51 5.42 -17.22
C LYS B 151 -8.74 4.35 -16.15
N CYS B 152 -9.92 3.76 -16.19
CA CYS B 152 -10.23 2.65 -15.31
C CYS B 152 -9.39 1.44 -15.69
N SER B 153 -8.84 0.77 -14.68
CA SER B 153 -8.04 -0.43 -14.86
C SER B 153 -8.85 -1.52 -15.58
N GLY B 154 -8.30 -2.04 -16.67
CA GLY B 154 -8.98 -3.12 -17.37
C GLY B 154 -10.07 -2.68 -18.33
N THR B 155 -10.22 -1.38 -18.57
CA THR B 155 -11.21 -0.86 -19.50
C THR B 155 -10.56 0.26 -20.31
N ASN B 156 -11.31 0.78 -21.28
CA ASN B 156 -10.98 2.06 -21.90
C ASN B 156 -11.85 3.22 -21.40
N THR B 157 -12.44 3.08 -20.25
CA THR B 157 -13.33 4.11 -19.75
C THR B 157 -12.53 5.17 -18.97
N PRO B 158 -12.67 6.44 -19.29
CA PRO B 158 -12.03 7.48 -18.45
C PRO B 158 -12.67 7.56 -17.07
N VAL B 159 -11.82 7.77 -16.07
CA VAL B 159 -12.27 7.89 -14.70
C VAL B 159 -13.30 8.99 -14.54
N ARG B 160 -13.19 10.07 -15.34
CA ARG B 160 -14.12 11.18 -15.18
C ARG B 160 -15.51 10.87 -15.74
N ALA B 161 -15.68 9.77 -16.44
CA ALA B 161 -17.00 9.35 -16.89
C ALA B 161 -17.70 8.46 -15.88
N VAL B 162 -17.03 8.04 -14.82
CA VAL B 162 -17.61 7.09 -13.88
C VAL B 162 -18.58 7.80 -12.93
N THR B 163 -19.76 7.22 -12.77
CA THR B 163 -20.76 7.71 -11.81
C THR B 163 -21.02 6.63 -10.77
N GLU B 164 -21.73 7.02 -9.71
CA GLU B 164 -22.15 6.06 -8.71
C GLU B 164 -22.89 4.89 -9.35
N ALA B 165 -23.51 5.10 -10.50
CA ALA B 165 -24.30 4.04 -11.13
C ALA B 165 -23.49 2.81 -11.48
N SER B 166 -22.18 2.94 -11.65
CA SER B 166 -21.33 1.81 -11.99
C SER B 166 -20.41 1.37 -10.85
N THR B 167 -20.60 1.87 -9.63
CA THR B 167 -19.76 1.47 -8.49
C THR B 167 -20.57 0.78 -7.40
N SER B 168 -19.85 0.08 -6.52
CA SER B 168 -20.41 -0.59 -5.38
C SER B 168 -19.49 -0.51 -4.17
N PRO B 169 -20.05 -0.29 -2.97
CA PRO B 169 -19.19 -0.36 -1.77
C PRO B 169 -18.63 -1.73 -1.50
N SER B 170 -19.26 -2.78 -2.02
CA SER B 170 -18.85 -4.16 -1.81
C SER B 170 -17.73 -4.60 -2.75
N LYS B 171 -17.28 -3.73 -3.63
CA LYS B 171 -16.24 -4.08 -4.58
C LYS B 171 -14.95 -3.30 -4.31
N CYS B 172 -14.61 -3.09 -3.03
CA CYS B 172 -13.45 -2.28 -2.67
C CYS B 172 -12.33 -3.09 -2.02
N PRO B 173 -11.14 -3.20 -2.63
CA PRO B 173 -10.06 -4.02 -2.05
C PRO B 173 -9.69 -3.62 -0.63
#